data_4B1F
#
_entry.id   4B1F
#
_cell.length_a   61.933
_cell.length_b   75.974
_cell.length_c   108.935
_cell.angle_alpha   90.00
_cell.angle_beta   90.00
_cell.angle_gamma   90.00
#
_symmetry.space_group_name_H-M   'P 21 21 21'
#
loop_
_entity.id
_entity.type
_entity.pdbx_description
1 polymer 'GLUTAMATE RACEMASE'
2 non-polymer 5-methyl-3-(1-methyl-1H-imidazol-5-yl)-7-(2-methylpropyl)-2-(naphthalen-1-ylmethyl)-2H-pyrazolo[3,4-d]pyrimidine-4,6(5H,7H)-dione
3 non-polymer 'D-GLUTAMIC ACID'
4 water water
#
_entity_poly.entity_id   1
_entity_poly.type   'polypeptide(L)'
_entity_poly.pdbx_seq_one_letter_code
;MKIGVFDSGVGGFSVLKSLLKARLFDEIIYYGDSARVPYGTKDPTTIKQFGLEALDFFKPHEIELLIVACNTASALALEE
MQKYSKIPIVGVIEPSILAIKRQVEDKNAPILVLGTKATIQSNAYDNALKQQGYLNISHLATSLFVPLIEESILEGELLE
TCMHYYFTPLEILPEVIILGCTHFPLIAQKIEGYFMGHFALPTPPLLIHSGDAIVEYLQQKYALKNNACTFPKVEFHASG
DVIWLERQAKEWLKL
;
_entity_poly.pdbx_strand_id   A,B
#
loop_
_chem_comp.id
_chem_comp.type
_chem_comp.name
_chem_comp.formula
KRH non-polymer 5-methyl-3-(1-methyl-1H-imidazol-5-yl)-7-(2-methylpropyl)-2-(naphthalen-1-ylmethyl)-2H-pyrazolo[3,4-d]pyrimidine-4,6(5H,7H)-dione 'C25 H26 N6 O2'
#
# COMPACT_ATOMS: atom_id res chain seq x y z
N MET A 1 6.80 -8.54 33.36
CA MET A 1 5.91 -9.18 32.38
C MET A 1 6.50 -8.86 30.99
N LYS A 2 6.72 -9.88 30.20
CA LYS A 2 7.16 -9.68 28.84
C LYS A 2 6.06 -10.02 27.83
N ILE A 3 5.66 -9.02 27.04
CA ILE A 3 4.60 -9.21 26.02
C ILE A 3 5.03 -8.80 24.59
N GLY A 4 4.17 -9.13 23.66
CA GLY A 4 4.44 -8.91 22.26
C GLY A 4 3.40 -7.94 21.77
N VAL A 5 3.81 -7.08 20.84
CA VAL A 5 2.87 -6.27 20.02
C VAL A 5 3.10 -6.59 18.53
N PHE A 6 2.03 -6.93 17.84
CA PHE A 6 2.07 -7.18 16.39
C PHE A 6 1.30 -6.12 15.61
N ASP A 7 1.82 -5.71 14.45
CA ASP A 7 1.07 -4.88 13.53
C ASP A 7 1.60 -5.14 12.13
N SER A 8 0.86 -4.70 11.12
CA SER A 8 1.34 -4.77 9.73
C SER A 8 2.67 -3.98 9.41
N GLY A 9 2.98 -2.96 10.23
CA GLY A 9 4.23 -2.17 10.07
C GLY A 9 4.48 -1.22 11.23
N VAL A 10 4.64 0.07 10.92
CA VAL A 10 4.90 1.09 11.95
C VAL A 10 3.67 1.67 12.58
N GLY A 11 2.52 1.48 11.97
CA GLY A 11 1.34 2.18 12.42
C GLY A 11 0.98 1.77 13.86
N GLY A 12 1.36 0.57 14.24
CA GLY A 12 1.12 0.06 15.59
C GLY A 12 1.72 0.93 16.68
N PHE A 13 2.64 1.82 16.29
CA PHE A 13 3.15 2.83 17.18
C PHE A 13 2.08 3.62 17.92
N SER A 14 0.93 3.86 17.26
CA SER A 14 -0.17 4.57 17.87
C SER A 14 -0.73 3.84 19.08
N VAL A 15 -0.73 2.51 19.02
CA VAL A 15 -1.12 1.66 20.15
C VAL A 15 -0.02 1.55 21.19
N LEU A 16 1.22 1.50 20.73
CA LEU A 16 2.34 1.33 21.58
C LEU A 16 2.55 2.54 22.43
N LYS A 17 2.34 3.72 21.84
CA LYS A 17 2.44 4.98 22.61
C LYS A 17 1.55 4.97 23.84
N SER A 18 0.28 4.58 23.64
CA SER A 18 -0.68 4.40 24.74
C SER A 18 -0.21 3.35 25.78
N LEU A 19 0.28 2.21 25.31
CA LEU A 19 0.77 1.16 26.23
C LEU A 19 1.89 1.73 27.09
N LEU A 20 2.78 2.50 26.47
CA LEU A 20 3.96 2.99 27.19
C LEU A 20 3.58 4.05 28.23
N LYS A 21 2.67 4.93 27.86
CA LYS A 21 2.23 5.95 28.78
C LYS A 21 1.54 5.31 29.99
N ALA A 22 0.89 4.18 29.82
CA ALA A 22 0.21 3.52 30.91
C ALA A 22 1.10 2.61 31.78
N ARG A 23 2.39 2.42 31.45
CA ARG A 23 3.34 1.67 32.31
C ARG A 23 2.73 0.37 32.79
N LEU A 24 2.20 -0.37 31.82
CA LEU A 24 1.57 -1.62 32.07
C LEU A 24 2.56 -2.81 32.04
N PHE A 25 3.63 -2.72 31.24
CA PHE A 25 4.47 -3.89 30.98
C PHE A 25 5.94 -3.55 31.09
N ASP A 26 6.72 -4.50 31.65
CA ASP A 26 8.13 -4.27 31.85
C ASP A 26 8.92 -4.44 30.58
N GLU A 27 8.45 -5.29 29.68
CA GLU A 27 9.19 -5.56 28.44
C GLU A 27 8.24 -5.87 27.27
N ILE A 28 8.50 -5.24 26.14
CA ILE A 28 7.62 -5.34 24.97
C ILE A 28 8.50 -5.68 23.78
N ILE A 29 8.14 -6.76 23.08
CA ILE A 29 8.69 -7.09 21.78
C ILE A 29 7.70 -6.66 20.67
N TYR A 30 8.05 -5.58 19.98
CA TYR A 30 7.23 -5.11 18.81
C TYR A 30 7.69 -5.77 17.50
N TYR A 31 6.72 -6.34 16.76
CA TYR A 31 6.96 -6.86 15.46
C TYR A 31 6.01 -6.23 14.44
N GLY A 32 6.59 -5.58 13.41
CA GLY A 32 5.83 -5.08 12.24
C GLY A 32 6.19 -5.86 10.99
N ASP A 33 5.19 -6.39 10.31
CA ASP A 33 5.36 -7.16 9.06
C ASP A 33 5.52 -6.19 7.86
N SER A 34 6.48 -5.27 7.99
CA SER A 34 6.48 -4.15 7.09
C SER A 34 6.95 -4.48 5.65
N ALA A 35 7.43 -5.72 5.42
CA ALA A 35 7.68 -6.14 3.99
C ALA A 35 6.38 -6.32 3.21
N ARG A 36 5.27 -6.53 3.93
CA ARG A 36 3.98 -6.92 3.37
C ARG A 36 2.87 -5.94 3.68
N VAL A 37 3.20 -4.88 4.42
CA VAL A 37 2.29 -3.72 4.62
C VAL A 37 1.87 -3.09 3.29
N PRO A 38 0.61 -2.69 3.17
CA PRO A 38 -0.50 -2.74 4.08
C PRO A 38 -1.30 -4.06 4.01
N TYR A 39 -1.90 -4.43 5.15
CA TYR A 39 -2.92 -5.49 5.20
C TYR A 39 -4.33 -5.03 4.72
N GLY A 40 -4.62 -3.73 4.86
CA GLY A 40 -5.99 -3.21 4.75
C GLY A 40 -6.57 -3.38 3.37
N THR A 41 -5.71 -3.54 2.36
CA THR A 41 -6.18 -3.64 0.98
C THR A 41 -6.38 -5.10 0.57
N LYS A 42 -6.12 -6.05 1.45
CA LYS A 42 -6.11 -7.46 1.09
C LYS A 42 -7.31 -8.26 1.65
N ASP A 43 -7.27 -9.58 1.45
CA ASP A 43 -8.40 -10.49 1.71
C ASP A 43 -8.23 -11.31 2.96
N PRO A 44 -9.35 -11.82 3.51
CA PRO A 44 -9.36 -12.69 4.69
C PRO A 44 -8.27 -13.76 4.73
N THR A 45 -8.22 -14.60 3.69
CA THR A 45 -7.30 -15.75 3.63
C THR A 45 -5.90 -15.27 3.79
N THR A 46 -5.54 -14.24 3.03
CA THR A 46 -4.15 -13.75 3.01
C THR A 46 -3.85 -13.16 4.39
N ILE A 47 -4.82 -12.43 4.91
CA ILE A 47 -4.63 -11.81 6.25
C ILE A 47 -4.68 -12.79 7.42
N LYS A 48 -5.47 -13.86 7.31
CA LYS A 48 -5.43 -14.89 8.37
C LYS A 48 -4.08 -15.49 8.46
N GLN A 49 -3.49 -15.80 7.31
CA GLN A 49 -2.21 -16.47 7.31
C GLN A 49 -1.04 -15.58 7.74
N PHE A 50 -1.08 -14.29 7.37
CA PHE A 50 -0.12 -13.33 7.94
C PHE A 50 -0.09 -13.40 9.47
N GLY A 51 -1.26 -13.49 10.06
CA GLY A 51 -1.40 -13.47 11.50
C GLY A 51 -0.97 -14.78 12.15
N LEU A 52 -1.12 -15.90 11.43
CA LEU A 52 -0.56 -17.15 11.96
C LEU A 52 0.96 -17.08 11.83
N GLU A 53 1.49 -16.49 10.77
CA GLU A 53 2.94 -16.37 10.65
C GLU A 53 3.56 -15.45 11.71
N ALA A 54 2.82 -14.46 12.16
CA ALA A 54 3.26 -13.63 13.28
C ALA A 54 3.38 -14.46 14.59
N LEU A 55 2.46 -15.40 14.85
CA LEU A 55 2.62 -16.32 16.00
C LEU A 55 3.99 -16.97 15.97
N ASP A 56 4.35 -17.53 14.81
CA ASP A 56 5.65 -18.16 14.67
C ASP A 56 6.80 -17.26 14.98
N PHE A 57 6.67 -16.00 14.63
CA PHE A 57 7.81 -15.13 14.85
C PHE A 57 8.01 -14.90 16.35
N PHE A 58 6.93 -14.93 17.14
CA PHE A 58 7.06 -14.64 18.55
C PHE A 58 7.53 -15.86 19.39
N LYS A 59 7.52 -17.06 18.81
CA LYS A 59 7.85 -18.26 19.63
C LYS A 59 9.21 -18.25 20.40
N PRO A 60 10.33 -17.88 19.76
CA PRO A 60 11.59 -17.86 20.55
C PRO A 60 11.63 -16.77 21.61
N HIS A 61 10.77 -15.76 21.48
CA HIS A 61 10.84 -14.62 22.38
C HIS A 61 10.18 -14.86 23.75
N GLU A 62 9.46 -15.96 23.92
CA GLU A 62 8.83 -16.29 25.20
C GLU A 62 7.98 -15.16 25.76
N ILE A 63 6.92 -14.79 25.03
CA ILE A 63 6.06 -13.72 25.47
C ILE A 63 4.90 -14.33 26.25
N GLU A 64 4.28 -13.58 27.10
CA GLU A 64 3.15 -14.11 27.84
C GLU A 64 1.81 -13.68 27.38
N LEU A 65 1.77 -12.66 26.54
CA LEU A 65 0.54 -12.17 25.94
C LEU A 65 0.94 -11.44 24.67
N LEU A 66 0.06 -11.47 23.69
CA LEU A 66 0.29 -10.83 22.43
C LEU A 66 -0.87 -9.82 22.24
N ILE A 67 -0.52 -8.60 21.93
CA ILE A 67 -1.45 -7.54 21.53
C ILE A 67 -1.35 -7.37 19.98
N VAL A 68 -2.48 -7.54 19.31
CA VAL A 68 -2.55 -7.34 17.89
C VAL A 68 -3.01 -5.93 17.70
N ALA A 69 -2.03 -5.06 17.46
CA ALA A 69 -2.30 -3.64 17.46
C ALA A 69 -3.03 -3.24 16.20
N CYS A 70 -2.84 -4.01 15.12
CA CYS A 70 -3.50 -3.80 13.82
C CYS A 70 -4.96 -4.04 13.83
N ASN A 71 -5.73 -3.04 13.40
CA ASN A 71 -7.20 -3.21 13.37
C ASN A 71 -7.61 -4.22 12.29
N THR A 72 -6.81 -4.23 11.23
CA THR A 72 -7.09 -5.12 10.11
C THR A 72 -6.81 -6.58 10.47
N ALA A 73 -5.64 -6.83 11.05
CA ALA A 73 -5.36 -8.16 11.60
C ALA A 73 -6.35 -8.56 12.73
N SER A 74 -6.78 -7.60 13.56
CA SER A 74 -7.70 -7.89 14.63
C SER A 74 -9.02 -8.36 14.00
N ALA A 75 -9.41 -7.74 12.90
CA ALA A 75 -10.68 -8.00 12.28
C ALA A 75 -10.67 -9.34 11.55
N LEU A 76 -9.59 -9.68 10.89
CA LEU A 76 -9.60 -10.83 10.01
C LEU A 76 -8.86 -12.07 10.55
N ALA A 77 -7.83 -11.86 11.37
CA ALA A 77 -6.92 -12.96 11.77
C ALA A 77 -7.02 -13.39 13.22
N LEU A 78 -7.73 -12.60 14.05
CA LEU A 78 -7.74 -12.80 15.50
C LEU A 78 -8.21 -14.18 15.91
N GLU A 79 -9.41 -14.57 15.47
CA GLU A 79 -9.99 -15.88 15.81
C GLU A 79 -9.03 -17.01 15.48
N GLU A 80 -8.43 -16.96 14.30
CA GLU A 80 -7.53 -18.00 13.85
C GLU A 80 -6.25 -18.03 14.69
N MET A 81 -5.75 -16.84 15.01
CA MET A 81 -4.63 -16.70 15.93
C MET A 81 -4.92 -17.32 17.31
N GLN A 82 -6.10 -17.01 17.84
CA GLN A 82 -6.56 -17.46 19.15
C GLN A 82 -6.82 -18.97 19.18
N LYS A 83 -7.44 -19.47 18.11
CA LYS A 83 -7.60 -20.92 17.93
C LYS A 83 -6.31 -21.69 18.17
N TYR A 84 -5.16 -21.19 17.71
CA TYR A 84 -3.91 -21.94 17.80
C TYR A 84 -2.99 -21.51 18.94
N SER A 85 -3.17 -20.32 19.50
CA SER A 85 -2.21 -19.77 20.46
C SER A 85 -2.34 -20.29 21.89
N LYS A 86 -1.22 -20.55 22.58
CA LYS A 86 -1.30 -20.99 23.97
C LYS A 86 -1.37 -19.82 24.94
N ILE A 87 -1.10 -18.62 24.42
CA ILE A 87 -1.11 -17.43 25.25
C ILE A 87 -2.31 -16.59 24.86
N PRO A 88 -2.81 -15.77 25.79
CA PRO A 88 -3.85 -14.85 25.42
C PRO A 88 -3.36 -13.90 24.30
N ILE A 89 -4.29 -13.60 23.40
CA ILE A 89 -4.11 -12.70 22.29
C ILE A 89 -5.28 -11.69 22.39
N VAL A 90 -4.91 -10.42 22.52
CA VAL A 90 -5.85 -9.31 22.59
C VAL A 90 -5.69 -8.38 21.36
N GLY A 91 -6.81 -8.19 20.65
CA GLY A 91 -6.86 -7.32 19.50
C GLY A 91 -7.46 -5.98 19.91
N VAL A 92 -7.74 -5.15 18.92
CA VAL A 92 -8.11 -3.73 19.18
C VAL A 92 -9.56 -3.40 18.87
N ILE A 93 -10.31 -4.41 18.48
CA ILE A 93 -11.72 -4.24 18.21
C ILE A 93 -12.58 -4.41 19.47
N GLU A 94 -12.45 -5.55 20.12
CA GLU A 94 -13.30 -5.80 21.33
C GLU A 94 -13.14 -4.69 22.40
N PRO A 95 -11.91 -4.29 22.71
CA PRO A 95 -11.80 -3.20 23.67
C PRO A 95 -12.50 -1.89 23.29
N SER A 96 -12.53 -1.57 21.99
CA SER A 96 -13.22 -0.38 21.53
C SER A 96 -14.74 -0.56 21.73
N ILE A 97 -15.25 -1.76 21.50
CA ILE A 97 -16.67 -2.06 21.69
C ILE A 97 -17.06 -1.85 23.16
N LEU A 98 -16.21 -2.32 24.07
CA LEU A 98 -16.49 -2.22 25.51
C LEU A 98 -16.29 -0.77 25.97
N ALA A 99 -15.34 -0.04 25.35
CA ALA A 99 -15.18 1.42 25.67
C ALA A 99 -16.46 2.22 25.29
N ILE A 100 -16.99 1.93 24.12
CA ILE A 100 -18.26 2.51 23.69
C ILE A 100 -19.42 2.12 24.63
N LYS A 101 -19.49 0.84 24.96
CA LYS A 101 -20.52 0.34 25.85
C LYS A 101 -20.53 1.11 27.19
N ARG A 102 -19.35 1.53 27.65
CA ARG A 102 -19.20 2.26 28.89
C ARG A 102 -19.57 3.73 28.77
N GLN A 103 -19.21 4.37 27.67
CA GLN A 103 -19.37 5.83 27.53
C GLN A 103 -20.68 6.29 26.82
N VAL A 104 -21.44 5.34 26.28
CA VAL A 104 -22.50 5.66 25.36
C VAL A 104 -23.76 4.81 25.65
N GLU A 105 -24.60 5.33 26.56
CA GLU A 105 -25.78 4.60 27.07
C GLU A 105 -26.87 4.60 26.03
N ASP A 106 -26.90 5.67 25.25
CA ASP A 106 -27.89 5.83 24.23
C ASP A 106 -27.68 4.89 23.05
N LYS A 107 -28.57 3.90 22.92
CA LYS A 107 -28.42 2.81 21.95
C LYS A 107 -28.73 3.26 20.53
N ASN A 108 -29.39 4.41 20.41
CA ASN A 108 -29.58 5.07 19.14
C ASN A 108 -28.57 6.15 18.76
N ALA A 109 -27.50 6.33 19.53
CA ALA A 109 -26.49 7.28 19.09
C ALA A 109 -25.95 6.81 17.74
N PRO A 110 -25.74 7.75 16.79
CA PRO A 110 -25.16 7.42 15.50
C PRO A 110 -23.67 7.26 15.64
N ILE A 111 -23.23 6.01 15.46
CA ILE A 111 -21.83 5.61 15.58
C ILE A 111 -21.37 5.41 14.19
N LEU A 112 -20.19 6.00 13.90
CA LEU A 112 -19.57 5.89 12.58
C LEU A 112 -18.20 5.18 12.73
N VAL A 113 -18.03 4.10 11.97
CA VAL A 113 -16.83 3.24 12.01
C VAL A 113 -16.03 3.55 10.77
N LEU A 114 -14.85 4.08 10.99
CA LEU A 114 -13.85 4.24 9.94
C LEU A 114 -12.74 3.17 10.06
N GLY A 115 -12.39 2.58 8.91
CA GLY A 115 -11.33 1.58 8.86
C GLY A 115 -10.74 1.44 7.46
N THR A 116 -9.82 0.51 7.34
CA THR A 116 -9.34 0.10 6.00
C THR A 116 -10.47 -0.59 5.26
N LYS A 117 -10.31 -0.81 3.93
CA LYS A 117 -11.28 -1.65 3.18
C LYS A 117 -11.51 -3.04 3.87
N ALA A 118 -10.46 -3.76 4.19
CA ALA A 118 -10.67 -5.09 4.74
C ALA A 118 -11.43 -5.05 6.11
N THR A 119 -11.05 -4.11 6.99
CA THR A 119 -11.66 -3.98 8.32
C THR A 119 -13.18 -3.71 8.18
N ILE A 120 -13.51 -2.72 7.35
CA ILE A 120 -14.92 -2.36 7.13
C ILE A 120 -15.68 -3.51 6.46
N GLN A 121 -15.11 -4.08 5.42
CA GLN A 121 -15.72 -5.21 4.77
C GLN A 121 -16.04 -6.37 5.71
N SER A 122 -15.14 -6.69 6.64
CA SER A 122 -15.43 -7.74 7.65
C SER A 122 -16.69 -7.49 8.53
N ASN A 123 -17.10 -6.24 8.64
CA ASN A 123 -18.13 -5.86 9.58
C ASN A 123 -17.80 -6.32 10.98
N ALA A 124 -16.53 -6.51 11.32
CA ALA A 124 -16.19 -6.92 12.70
C ALA A 124 -16.73 -5.91 13.74
N TYR A 125 -16.62 -4.62 13.45
CA TYR A 125 -17.14 -3.62 14.41
C TYR A 125 -18.67 -3.63 14.50
N ASP A 126 -19.34 -3.59 13.35
CA ASP A 126 -20.80 -3.57 13.27
C ASP A 126 -21.44 -4.75 14.00
N ASN A 127 -20.93 -5.95 13.77
CA ASN A 127 -21.42 -7.14 14.45
C ASN A 127 -21.30 -7.04 15.93
N ALA A 128 -20.13 -6.63 16.38
CA ALA A 128 -19.93 -6.54 17.80
C ALA A 128 -20.84 -5.47 18.43
N LEU A 129 -21.06 -4.36 17.73
CA LEU A 129 -21.87 -3.25 18.27
C LEU A 129 -23.34 -3.69 18.33
N LYS A 130 -23.77 -4.38 17.29
CA LYS A 130 -25.16 -4.86 17.21
C LYS A 130 -25.47 -5.80 18.37
N GLN A 131 -24.54 -6.70 18.67
CA GLN A 131 -24.70 -7.64 19.80
C GLN A 131 -24.74 -6.95 21.12
N GLN A 132 -24.12 -5.78 21.20
CA GLN A 132 -24.21 -4.94 22.38
C GLN A 132 -25.47 -4.10 22.44
N GLY A 133 -26.39 -4.27 21.49
CA GLY A 133 -27.67 -3.56 21.51
C GLY A 133 -27.74 -2.25 20.72
N TYR A 134 -26.67 -1.89 19.99
CA TYR A 134 -26.63 -0.58 19.26
C TYR A 134 -27.44 -0.69 18.00
N LEU A 135 -28.20 0.36 17.69
CA LEU A 135 -29.14 0.29 16.55
C LEU A 135 -28.83 1.28 15.43
N ASN A 136 -27.81 2.13 15.56
CA ASN A 136 -27.57 3.18 14.57
C ASN A 136 -26.08 3.24 14.21
N ILE A 137 -25.68 2.46 13.22
CA ILE A 137 -24.30 2.18 12.96
C ILE A 137 -24.05 2.40 11.50
N SER A 138 -23.10 3.29 11.17
CA SER A 138 -22.64 3.43 9.81
C SER A 138 -21.19 3.13 9.71
N HIS A 139 -20.74 2.73 8.52
CA HIS A 139 -19.32 2.48 8.33
C HIS A 139 -18.80 3.05 7.08
N LEU A 140 -17.53 3.47 7.12
CA LEU A 140 -16.88 3.97 5.95
C LEU A 140 -15.44 3.43 5.86
N ALA A 141 -15.11 2.88 4.70
CA ALA A 141 -13.73 2.52 4.34
C ALA A 141 -12.98 3.74 3.84
N THR A 142 -12.17 4.32 4.70
CA THR A 142 -11.50 5.55 4.29
C THR A 142 -10.08 5.19 3.84
N SER A 143 -10.02 4.43 2.74
CA SER A 143 -8.83 3.68 2.45
C SER A 143 -7.56 4.56 2.20
N LEU A 144 -7.71 5.73 1.51
CA LEU A 144 -6.58 6.60 1.19
C LEU A 144 -5.98 7.38 2.38
N PHE A 145 -6.67 7.40 3.51
CA PHE A 145 -6.07 7.98 4.69
C PHE A 145 -4.73 7.33 5.08
N VAL A 146 -4.67 6.02 4.95
CA VAL A 146 -3.47 5.26 5.29
C VAL A 146 -2.24 5.77 4.53
N PRO A 147 -2.22 5.70 3.13
CA PRO A 147 -1.05 6.21 2.36
C PRO A 147 -0.80 7.69 2.53
N LEU A 148 -1.83 8.50 2.69
CA LEU A 148 -1.66 9.94 2.92
C LEU A 148 -0.91 10.18 4.24
N ILE A 149 -1.34 9.47 5.28
CA ILE A 149 -0.67 9.52 6.60
C ILE A 149 0.76 8.99 6.57
N GLU A 150 1.00 7.90 5.86
CA GLU A 150 2.31 7.47 5.64
C GLU A 150 3.19 8.48 4.98
N GLU A 151 2.66 9.29 4.08
CA GLU A 151 3.44 10.34 3.41
C GLU A 151 3.33 11.65 4.15
N SER A 152 2.83 11.62 5.40
CA SER A 152 2.88 12.77 6.26
C SER A 152 1.95 13.84 5.75
N ILE A 153 0.90 13.46 5.02
CA ILE A 153 -0.13 14.41 4.60
C ILE A 153 -1.04 14.48 5.81
N LEU A 154 -0.63 15.35 6.74
CA LEU A 154 -1.35 15.45 8.03
C LEU A 154 -2.23 16.71 8.15
N GLU A 155 -2.15 17.57 7.17
CA GLU A 155 -2.99 18.75 7.08
C GLU A 155 -2.99 19.23 5.64
N GLY A 156 -3.55 20.42 5.43
CA GLY A 156 -3.54 21.09 4.15
C GLY A 156 -4.66 20.60 3.25
N GLU A 157 -4.62 21.12 2.02
CA GLU A 157 -5.67 20.91 1.00
C GLU A 157 -5.86 19.44 0.56
N LEU A 158 -4.78 18.69 0.40
CA LEU A 158 -4.93 17.33 -0.08
C LEU A 158 -5.72 16.44 0.96
N LEU A 159 -5.40 16.63 2.24
CA LEU A 159 -6.13 15.93 3.33
C LEU A 159 -7.58 16.39 3.35
N GLU A 160 -7.81 17.70 3.44
CA GLU A 160 -9.17 18.26 3.40
C GLU A 160 -10.03 17.69 2.22
N THR A 161 -9.49 17.70 0.99
CA THR A 161 -10.14 17.10 -0.19
C THR A 161 -10.32 15.59 -0.10
N CYS A 162 -9.36 14.86 0.51
CA CYS A 162 -9.57 13.45 0.71
C CYS A 162 -10.75 13.22 1.70
N MET A 163 -10.78 13.95 2.82
CA MET A 163 -11.79 13.81 3.80
C MET A 163 -13.14 14.14 3.18
N HIS A 164 -13.20 15.23 2.43
CA HIS A 164 -14.41 15.66 1.69
C HIS A 164 -14.89 14.54 0.80
N TYR A 165 -13.97 13.89 0.09
CA TYR A 165 -14.36 12.80 -0.81
C TYR A 165 -15.01 11.64 -0.05
N TYR A 166 -14.54 11.32 1.18
CA TYR A 166 -15.12 10.17 1.92
C TYR A 166 -16.34 10.65 2.70
N PHE A 167 -16.28 11.87 3.24
CA PHE A 167 -17.26 12.24 4.26
C PHE A 167 -18.54 12.91 3.74
N THR A 168 -18.50 13.36 2.49
CA THR A 168 -19.59 14.17 1.90
C THR A 168 -20.84 13.31 1.65
N PRO A 169 -20.72 12.06 1.15
CA PRO A 169 -21.88 11.19 0.89
C PRO A 169 -22.63 10.68 2.12
N LEU A 170 -22.12 10.98 3.32
CA LEU A 170 -22.67 10.46 4.59
C LEU A 170 -24.05 10.99 4.94
N GLU A 171 -25.01 10.10 5.15
CA GLU A 171 -26.37 10.57 5.44
C GLU A 171 -26.68 10.71 6.95
N ILE A 172 -25.81 10.24 7.85
CA ILE A 172 -25.99 10.47 9.32
C ILE A 172 -24.90 11.35 9.99
N LEU A 173 -25.31 12.32 10.81
CA LEU A 173 -24.39 13.08 11.66
C LEU A 173 -23.92 12.25 12.88
N PRO A 174 -22.64 11.82 12.91
CA PRO A 174 -22.18 10.94 13.99
C PRO A 174 -21.98 11.63 15.35
N GLU A 175 -22.38 10.93 16.42
CA GLU A 175 -22.04 11.36 17.76
C GLU A 175 -20.87 10.50 18.24
N VAL A 176 -20.49 9.45 17.50
CA VAL A 176 -19.36 8.57 17.88
C VAL A 176 -18.62 8.21 16.58
N ILE A 177 -17.30 8.42 16.56
CA ILE A 177 -16.44 8.05 15.42
C ILE A 177 -15.36 7.16 15.93
N ILE A 178 -15.35 5.91 15.41
CA ILE A 178 -14.32 4.89 15.75
C ILE A 178 -13.14 5.02 14.80
N LEU A 179 -11.98 5.32 15.38
CA LEU A 179 -10.72 5.45 14.62
C LEU A 179 -10.18 4.06 14.44
N GLY A 180 -10.84 3.34 13.55
CA GLY A 180 -10.64 1.88 13.48
C GLY A 180 -9.50 1.40 12.59
N CYS A 181 -8.37 2.07 12.76
CA CYS A 181 -7.13 1.85 12.01
C CYS A 181 -6.00 2.52 12.81
N THR A 182 -4.84 1.83 12.88
CA THR A 182 -3.63 2.36 13.57
C THR A 182 -3.24 3.77 13.18
N HIS A 183 -3.54 4.13 11.96
CA HIS A 183 -3.01 5.34 11.38
C HIS A 183 -3.88 6.50 11.72
N PHE A 184 -5.18 6.28 11.92
CA PHE A 184 -6.17 7.41 12.05
C PHE A 184 -6.05 8.36 13.28
N PRO A 185 -5.43 7.90 14.43
CA PRO A 185 -5.15 8.96 15.44
C PRO A 185 -4.33 10.10 14.95
N LEU A 186 -3.45 9.89 13.98
CA LEU A 186 -2.57 11.01 13.53
C LEU A 186 -3.34 12.19 12.83
N ILE A 187 -4.61 11.97 12.54
CA ILE A 187 -5.51 12.98 11.94
C ILE A 187 -6.83 13.12 12.71
N ALA A 188 -6.87 12.63 13.95
CA ALA A 188 -8.09 12.69 14.75
C ALA A 188 -8.68 14.10 14.83
N GLN A 189 -7.84 15.06 15.19
CA GLN A 189 -8.28 16.44 15.29
C GLN A 189 -8.77 17.00 13.92
N LYS A 190 -8.12 16.60 12.83
CA LYS A 190 -8.57 17.01 11.50
C LYS A 190 -9.91 16.39 11.18
N ILE A 191 -10.13 15.14 11.56
CA ILE A 191 -11.44 14.57 11.31
C ILE A 191 -12.54 15.29 12.11
N GLU A 192 -12.28 15.60 13.37
CA GLU A 192 -13.22 16.24 14.23
C GLU A 192 -13.50 17.63 13.68
N GLY A 193 -12.44 18.28 13.21
CA GLY A 193 -12.58 19.56 12.57
C GLY A 193 -13.40 19.57 11.30
N TYR A 194 -13.33 18.52 10.49
CA TYR A 194 -14.15 18.45 9.29
C TYR A 194 -15.66 18.38 9.66
N PHE A 195 -16.02 17.47 10.56
CA PHE A 195 -17.40 17.37 11.00
C PHE A 195 -17.91 18.64 11.69
N MET A 196 -17.08 19.27 12.54
CA MET A 196 -17.55 20.51 13.24
C MET A 196 -17.69 21.64 12.21
N GLY A 197 -16.79 21.75 11.23
CA GLY A 197 -16.81 22.81 10.25
C GLY A 197 -17.86 22.72 9.14
N HIS A 198 -18.26 21.50 8.74
CA HIS A 198 -19.19 21.34 7.58
C HIS A 198 -20.58 21.00 7.96
N PHE A 199 -20.78 20.74 9.25
CA PHE A 199 -22.10 20.41 9.73
C PHE A 199 -22.41 21.10 11.07
N ALA A 200 -23.69 21.08 11.40
CA ALA A 200 -24.23 21.86 12.49
C ALA A 200 -24.13 21.12 13.78
N LEU A 201 -22.98 20.50 14.06
CA LEU A 201 -22.88 19.64 15.22
C LEU A 201 -22.87 20.48 16.49
N PRO A 202 -23.71 20.11 17.46
CA PRO A 202 -23.72 20.84 18.75
C PRO A 202 -22.39 20.80 19.54
N THR A 203 -21.74 19.63 19.57
CA THR A 203 -20.50 19.44 20.34
C THR A 203 -19.71 18.34 19.61
N PRO A 204 -18.39 18.28 19.85
CA PRO A 204 -17.53 17.40 19.10
C PRO A 204 -17.99 15.95 19.23
N PRO A 205 -17.87 15.16 18.17
CA PRO A 205 -18.20 13.76 18.42
C PRO A 205 -17.19 13.05 19.33
N LEU A 206 -17.65 11.98 20.01
CA LEU A 206 -16.77 11.20 20.86
C LEU A 206 -15.88 10.35 19.97
N LEU A 207 -14.55 10.55 20.04
CA LEU A 207 -13.62 9.82 19.17
C LEU A 207 -13.08 8.58 19.89
N ILE A 208 -13.22 7.40 19.32
CA ILE A 208 -12.64 6.21 20.00
C ILE A 208 -11.27 5.86 19.40
N HIS A 209 -10.24 5.95 20.24
CA HIS A 209 -8.86 5.63 19.94
C HIS A 209 -8.53 4.15 20.39
N SER A 210 -8.07 3.35 19.42
CA SER A 210 -7.85 1.96 19.64
C SER A 210 -6.86 1.65 20.80
N GLY A 211 -5.77 2.38 20.85
CA GLY A 211 -4.81 2.30 21.93
C GLY A 211 -5.30 2.68 23.31
N ASP A 212 -5.99 3.81 23.47
CA ASP A 212 -6.59 4.15 24.77
C ASP A 212 -7.62 3.10 25.16
N ALA A 213 -8.37 2.59 24.20
CA ALA A 213 -9.35 1.58 24.52
C ALA A 213 -8.71 0.26 24.98
N ILE A 214 -7.64 -0.19 24.31
CA ILE A 214 -7.04 -1.44 24.73
C ILE A 214 -6.43 -1.35 26.14
N VAL A 215 -5.84 -0.21 26.45
CA VAL A 215 -5.28 0.06 27.75
C VAL A 215 -6.33 -0.12 28.80
N GLU A 216 -7.46 0.56 28.61
CA GLU A 216 -8.58 0.42 29.56
C GLU A 216 -8.98 -1.04 29.74
N TYR A 217 -9.04 -1.77 28.64
CA TYR A 217 -9.36 -3.19 28.72
C TYR A 217 -8.32 -4.00 29.48
N LEU A 218 -7.04 -3.74 29.21
CA LEU A 218 -5.96 -4.53 29.77
C LEU A 218 -5.87 -4.30 31.30
N GLN A 219 -6.01 -3.05 31.68
CA GLN A 219 -6.06 -2.73 33.07
C GLN A 219 -7.13 -3.53 33.80
N GLN A 220 -8.35 -3.47 33.28
CA GLN A 220 -9.49 -4.03 33.97
C GLN A 220 -9.48 -5.56 33.87
N LYS A 221 -9.18 -6.11 32.69
CA LYS A 221 -9.31 -7.55 32.51
C LYS A 221 -8.25 -8.31 33.26
N TYR A 222 -7.07 -7.70 33.31
CA TYR A 222 -5.90 -8.43 33.71
C TYR A 222 -5.45 -7.93 35.06
N ALA A 223 -6.24 -7.04 35.61
CA ALA A 223 -5.95 -6.38 36.89
C ALA A 223 -4.52 -5.89 36.85
N LEU A 224 -4.25 -5.02 35.88
CA LEU A 224 -2.94 -4.35 35.72
C LEU A 224 -3.06 -2.92 36.21
N LYS A 225 -2.09 -2.51 37.03
CA LYS A 225 -2.20 -1.34 37.87
C LYS A 225 -1.40 -0.11 37.45
N ASN A 226 -0.54 -0.17 36.43
CA ASN A 226 0.27 0.98 35.96
C ASN A 226 1.47 1.21 36.86
N ASN A 227 2.12 0.13 37.19
CA ASN A 227 3.17 0.13 38.18
C ASN A 227 4.34 -0.70 37.68
N ALA A 228 4.52 -0.71 36.34
CA ALA A 228 5.61 -1.43 35.68
C ALA A 228 6.81 -0.50 35.68
N CYS A 229 7.97 -1.01 35.27
CA CYS A 229 9.20 -0.27 35.51
C CYS A 229 9.19 1.02 34.70
N THR A 230 9.87 2.05 35.22
CA THR A 230 9.73 3.41 34.69
C THR A 230 10.20 3.48 33.21
N PHE A 231 11.26 2.74 32.86
CA PHE A 231 11.65 2.63 31.46
C PHE A 231 11.62 1.18 30.97
N PRO A 232 10.53 0.76 30.33
CA PRO A 232 10.56 -0.64 29.91
C PRO A 232 11.57 -0.95 28.79
N LYS A 233 11.91 -2.21 28.69
CA LYS A 233 12.78 -2.72 27.67
C LYS A 233 11.85 -2.98 26.48
N VAL A 234 12.16 -2.35 25.35
CA VAL A 234 11.37 -2.50 24.13
C VAL A 234 12.26 -2.77 22.94
N GLU A 235 11.91 -3.81 22.20
CA GLU A 235 12.69 -4.27 21.08
C GLU A 235 11.84 -4.06 19.80
N PHE A 236 12.48 -3.79 18.68
CA PHE A 236 11.73 -3.57 17.46
C PHE A 236 12.25 -4.50 16.41
N HIS A 237 11.34 -5.30 15.82
CA HIS A 237 11.58 -6.21 14.71
C HIS A 237 10.59 -5.97 13.56
N ALA A 238 11.03 -6.32 12.36
CA ALA A 238 10.23 -6.14 11.17
C ALA A 238 10.77 -7.05 10.08
N SER A 239 9.88 -7.37 9.14
CA SER A 239 10.16 -8.16 7.98
C SER A 239 10.86 -7.33 6.87
N GLY A 240 10.79 -6.00 6.93
CA GLY A 240 11.90 -5.19 6.38
C GLY A 240 11.95 -3.78 6.92
N ASP A 241 12.77 -2.96 6.29
CA ASP A 241 13.08 -1.66 6.79
C ASP A 241 13.16 -1.71 8.35
N VAL A 242 13.96 -2.59 8.94
CA VAL A 242 14.03 -2.67 10.45
C VAL A 242 14.79 -1.45 11.00
N ILE A 243 15.82 -1.05 10.26
CA ILE A 243 16.69 0.08 10.62
C ILE A 243 15.85 1.29 10.64
N TRP A 244 15.00 1.42 9.62
CA TRP A 244 14.10 2.54 9.56
C TRP A 244 13.15 2.44 10.71
N LEU A 245 12.68 1.24 11.02
CA LEU A 245 11.71 1.13 12.12
C LEU A 245 12.33 1.59 13.45
N GLU A 246 13.56 1.15 13.74
CA GLU A 246 14.29 1.54 14.96
C GLU A 246 14.54 3.05 15.01
N ARG A 247 14.73 3.68 13.86
CA ARG A 247 14.90 5.14 13.82
C ARG A 247 13.60 5.81 14.22
N GLN A 248 12.50 5.28 13.67
CA GLN A 248 11.23 5.88 13.96
C GLN A 248 10.94 5.77 15.45
N ALA A 249 11.27 4.63 16.06
CA ALA A 249 11.04 4.44 17.52
C ALA A 249 11.79 5.48 18.38
N LYS A 250 13.05 5.74 18.01
CA LYS A 250 13.91 6.68 18.75
C LYS A 250 13.40 8.14 18.53
N GLU A 251 13.00 8.46 17.30
CA GLU A 251 12.58 9.84 16.97
C GLU A 251 11.25 10.18 17.59
N TRP A 252 10.35 9.22 17.58
CA TRP A 252 8.96 9.52 17.88
C TRP A 252 8.53 9.03 19.24
N LEU A 253 9.06 7.90 19.73
CA LEU A 253 8.57 7.28 20.99
C LEU A 253 9.52 7.59 22.17
N LYS A 254 10.71 8.14 21.89
CA LYS A 254 11.67 8.49 22.93
C LYS A 254 12.49 7.26 23.37
N LEU A 255 12.60 6.24 22.49
CA LEU A 255 13.15 4.92 22.85
C LEU A 255 14.46 4.50 22.12
N MET B 1 6.27 -19.01 -28.44
CA MET B 1 7.16 -18.92 -27.29
C MET B 1 6.25 -18.86 -26.05
N LYS B 2 6.65 -19.53 -24.99
CA LYS B 2 6.02 -19.41 -23.67
C LYS B 2 6.85 -18.55 -22.73
N ILE B 3 6.24 -17.49 -22.19
CA ILE B 3 6.94 -16.53 -21.31
C ILE B 3 6.20 -16.32 -19.98
N GLY B 4 6.96 -15.83 -19.01
CA GLY B 4 6.41 -15.31 -17.75
C GLY B 4 6.29 -13.81 -17.77
N VAL B 5 5.28 -13.28 -17.08
CA VAL B 5 5.25 -11.86 -16.73
C VAL B 5 5.09 -11.82 -15.22
N PHE B 6 5.94 -11.03 -14.56
CA PHE B 6 5.96 -10.85 -13.13
C PHE B 6 5.64 -9.40 -12.76
N ASP B 7 4.75 -9.25 -11.79
CA ASP B 7 4.54 -7.94 -11.24
C ASP B 7 4.21 -8.11 -9.77
N SER B 8 4.17 -6.98 -9.08
CA SER B 8 3.85 -6.99 -7.66
C SER B 8 2.37 -7.24 -7.48
N GLY B 9 1.57 -7.12 -8.53
CA GLY B 9 0.17 -7.38 -8.38
C GLY B 9 -0.58 -7.24 -9.68
N VAL B 10 -1.75 -6.62 -9.64
CA VAL B 10 -2.62 -6.36 -10.86
C VAL B 10 -2.09 -5.25 -11.77
N GLY B 11 -1.17 -4.42 -11.30
CA GLY B 11 -0.71 -3.21 -12.05
C GLY B 11 -0.04 -3.55 -13.36
N GLY B 12 0.58 -4.73 -13.37
CA GLY B 12 1.24 -5.28 -14.51
C GLY B 12 0.34 -5.45 -15.72
N PHE B 13 -0.98 -5.32 -15.48
CA PHE B 13 -1.94 -5.40 -16.54
C PHE B 13 -1.66 -4.33 -17.60
N SER B 14 -1.05 -3.21 -17.22
CA SER B 14 -0.80 -2.14 -18.19
C SER B 14 0.22 -2.60 -19.17
N VAL B 15 1.13 -3.46 -18.75
CA VAL B 15 2.10 -4.03 -19.64
C VAL B 15 1.50 -5.22 -20.42
N LEU B 16 0.82 -6.15 -19.72
CA LEU B 16 0.23 -7.33 -20.35
C LEU B 16 -0.69 -6.91 -21.49
N LYS B 17 -1.42 -5.78 -21.33
CA LYS B 17 -2.28 -5.26 -22.40
C LYS B 17 -1.54 -4.96 -23.69
N SER B 18 -0.40 -4.26 -23.60
CA SER B 18 0.41 -4.00 -24.74
C SER B 18 0.90 -5.30 -25.33
N LEU B 19 1.28 -6.23 -24.47
CA LEU B 19 1.83 -7.49 -25.01
C LEU B 19 0.75 -8.28 -25.77
N LEU B 20 -0.46 -8.26 -25.21
CA LEU B 20 -1.57 -8.99 -25.81
C LEU B 20 -1.96 -8.36 -27.16
N LYS B 21 -2.08 -7.04 -27.18
CA LYS B 21 -2.52 -6.31 -28.37
C LYS B 21 -1.52 -6.58 -29.49
N ALA B 22 -0.22 -6.57 -29.17
CA ALA B 22 0.79 -6.87 -30.14
C ALA B 22 0.92 -8.36 -30.50
N ARG B 23 0.16 -9.24 -29.86
CA ARG B 23 0.14 -10.68 -30.24
C ARG B 23 1.50 -11.33 -30.32
N LEU B 24 2.34 -11.05 -29.34
CA LEU B 24 3.72 -11.51 -29.39
C LEU B 24 3.86 -12.98 -29.03
N PHE B 25 3.01 -13.49 -28.13
CA PHE B 25 3.27 -14.73 -27.41
C PHE B 25 2.13 -15.75 -27.45
N ASP B 26 2.44 -17.00 -27.69
CA ASP B 26 1.38 -18.01 -27.71
C ASP B 26 0.91 -18.34 -26.31
N GLU B 27 1.82 -18.24 -25.32
CA GLU B 27 1.45 -18.54 -23.97
C GLU B 27 2.13 -17.63 -22.95
N ILE B 28 1.37 -17.24 -21.95
CA ILE B 28 1.84 -16.26 -20.97
C ILE B 28 1.41 -16.69 -19.60
N ILE B 29 2.37 -16.75 -18.69
CA ILE B 29 2.10 -17.10 -17.28
C ILE B 29 2.31 -15.81 -16.47
N TYR B 30 1.24 -15.22 -15.99
CA TYR B 30 1.27 -13.97 -15.19
C TYR B 30 1.26 -14.24 -13.70
N TYR B 31 2.25 -13.72 -12.99
CA TYR B 31 2.34 -13.86 -11.54
C TYR B 31 2.39 -12.45 -10.92
N GLY B 32 1.38 -12.23 -10.07
CA GLY B 32 1.23 -11.04 -9.29
C GLY B 32 1.49 -11.37 -7.84
N ASP B 33 2.51 -10.75 -7.24
CA ASP B 33 2.82 -11.02 -5.84
C ASP B 33 1.96 -10.18 -4.93
N SER B 34 0.66 -10.34 -5.11
CA SER B 34 -0.30 -9.39 -4.57
C SER B 34 -0.47 -9.52 -3.07
N ALA B 35 0.13 -10.48 -2.44
CA ALA B 35 0.07 -10.50 -0.94
C ALA B 35 0.96 -9.41 -0.35
N ARG B 36 1.93 -8.94 -1.15
CA ARG B 36 2.99 -8.09 -0.62
C ARG B 36 3.05 -6.68 -1.29
N VAL B 37 2.15 -6.49 -2.25
CA VAL B 37 2.04 -5.27 -2.97
C VAL B 37 1.68 -4.18 -1.95
N PRO B 38 2.20 -2.91 -2.12
CA PRO B 38 3.10 -2.40 -3.11
C PRO B 38 4.57 -2.76 -2.79
N TYR B 39 5.43 -2.67 -3.80
CA TYR B 39 6.83 -2.83 -3.61
C TYR B 39 7.47 -1.46 -3.47
N GLY B 40 6.80 -0.44 -3.99
CA GLY B 40 7.41 0.88 -4.25
C GLY B 40 7.75 1.66 -3.01
N THR B 41 7.15 1.27 -1.90
CA THR B 41 7.28 1.93 -0.62
C THR B 41 8.36 1.26 0.16
N LYS B 42 9.03 0.24 -0.38
CA LYS B 42 9.89 -0.59 0.46
C LYS B 42 11.37 -0.49 0.07
N ASP B 43 12.24 -1.14 0.86
CA ASP B 43 13.70 -0.97 0.77
C ASP B 43 14.32 -1.92 -0.27
N PRO B 44 15.46 -1.52 -0.83
CA PRO B 44 16.10 -2.38 -1.82
C PRO B 44 16.36 -3.81 -1.40
N THR B 45 16.75 -4.10 -0.16
CA THR B 45 17.10 -5.50 0.13
C THR B 45 15.87 -6.39 0.11
N THR B 46 14.77 -5.85 0.62
CA THR B 46 13.45 -6.50 0.62
C THR B 46 12.98 -6.80 -0.81
N ILE B 47 13.03 -5.81 -1.71
CA ILE B 47 12.56 -5.97 -3.09
C ILE B 47 13.44 -6.96 -3.92
N LYS B 48 14.76 -6.87 -3.76
CA LYS B 48 15.68 -7.84 -4.38
C LYS B 48 15.34 -9.25 -4.03
N GLN B 49 15.12 -9.50 -2.76
CA GLN B 49 14.67 -10.78 -2.28
C GLN B 49 13.26 -11.19 -2.77
N PHE B 50 12.32 -10.25 -2.87
CA PHE B 50 11.07 -10.52 -3.57
C PHE B 50 11.30 -11.01 -5.02
N GLY B 51 12.18 -10.35 -5.75
CA GLY B 51 12.44 -10.73 -7.13
C GLY B 51 13.06 -12.10 -7.23
N LEU B 52 13.97 -12.46 -6.32
CA LEU B 52 14.49 -13.84 -6.34
C LEU B 52 13.41 -14.84 -6.07
N GLU B 53 12.54 -14.53 -5.17
CA GLU B 53 11.47 -15.45 -4.85
C GLU B 53 10.54 -15.70 -6.01
N ALA B 54 10.21 -14.63 -6.76
CA ALA B 54 9.37 -14.76 -7.98
C ALA B 54 10.03 -15.72 -8.97
N LEU B 55 11.36 -15.71 -9.04
CA LEU B 55 12.04 -16.67 -9.91
C LEU B 55 11.65 -18.11 -9.57
N ASP B 56 11.57 -18.44 -8.29
CA ASP B 56 11.19 -19.81 -7.90
C ASP B 56 9.79 -20.13 -8.34
N PHE B 57 8.89 -19.15 -8.27
CA PHE B 57 7.52 -19.41 -8.70
C PHE B 57 7.51 -19.93 -10.13
N PHE B 58 8.31 -19.31 -11.01
CA PHE B 58 8.29 -19.66 -12.44
C PHE B 58 8.90 -21.01 -12.85
N LYS B 59 9.77 -21.55 -12.01
CA LYS B 59 10.51 -22.76 -12.34
C LYS B 59 9.68 -23.93 -12.90
N PRO B 60 8.60 -24.38 -12.22
CA PRO B 60 7.80 -25.47 -12.88
C PRO B 60 7.12 -25.13 -14.22
N HIS B 61 7.12 -23.86 -14.64
CA HIS B 61 6.38 -23.44 -15.86
C HIS B 61 7.20 -23.52 -17.13
N GLU B 62 8.49 -23.78 -17.00
CA GLU B 62 9.34 -23.88 -18.16
C GLU B 62 9.15 -22.71 -19.12
N ILE B 63 9.19 -21.50 -18.60
CA ILE B 63 9.13 -20.35 -19.46
C ILE B 63 10.50 -20.15 -20.11
N GLU B 64 10.51 -19.49 -21.24
CA GLU B 64 11.73 -19.25 -22.04
C GLU B 64 12.34 -17.88 -21.83
N LEU B 65 11.53 -16.96 -21.28
CA LEU B 65 11.91 -15.57 -21.04
C LEU B 65 10.99 -14.99 -19.95
N LEU B 66 11.51 -14.21 -19.04
CA LEU B 66 10.68 -13.58 -18.00
C LEU B 66 10.61 -12.07 -18.24
N ILE B 67 9.41 -11.54 -18.34
CA ILE B 67 9.19 -10.11 -18.31
C ILE B 67 8.89 -9.63 -16.91
N VAL B 68 9.62 -8.62 -16.48
CA VAL B 68 9.36 -7.99 -15.22
C VAL B 68 8.64 -6.68 -15.54
N ALA B 69 7.32 -6.75 -15.40
CA ALA B 69 6.40 -5.66 -15.75
C ALA B 69 6.52 -4.49 -14.77
N CYS B 70 6.96 -4.84 -13.56
CA CYS B 70 7.05 -3.92 -12.44
C CYS B 70 8.27 -3.04 -12.60
N ASN B 71 8.02 -1.74 -12.63
CA ASN B 71 9.13 -0.78 -12.78
C ASN B 71 10.01 -0.76 -11.50
N THR B 72 9.36 -0.98 -10.34
CA THR B 72 10.10 -1.00 -9.03
C THR B 72 11.02 -2.23 -8.94
N ALA B 73 10.49 -3.42 -9.20
CA ALA B 73 11.34 -4.58 -9.28
C ALA B 73 12.40 -4.45 -10.41
N SER B 74 12.00 -3.88 -11.56
CA SER B 74 12.94 -3.61 -12.65
C SER B 74 14.10 -2.75 -12.19
N ALA B 75 13.80 -1.67 -11.45
CA ALA B 75 14.83 -0.74 -10.95
C ALA B 75 15.81 -1.35 -9.95
N LEU B 76 15.33 -2.27 -9.12
CA LEU B 76 16.04 -2.79 -7.96
C LEU B 76 16.44 -4.24 -7.99
N ALA B 77 15.69 -5.11 -8.64
CA ALA B 77 15.89 -6.59 -8.42
C ALA B 77 16.50 -7.31 -9.60
N LEU B 78 16.47 -6.61 -10.71
CA LEU B 78 16.65 -7.22 -12.00
C LEU B 78 18.06 -7.77 -12.08
N GLU B 79 19.09 -6.99 -11.71
CA GLU B 79 20.47 -7.53 -11.77
C GLU B 79 20.58 -8.85 -11.00
N GLU B 80 19.96 -8.91 -9.82
CA GLU B 80 20.05 -10.10 -8.93
C GLU B 80 19.27 -11.30 -9.49
N MET B 81 18.09 -11.02 -10.04
CA MET B 81 17.33 -12.07 -10.70
C MET B 81 18.16 -12.60 -11.88
N GLN B 82 18.74 -11.72 -12.73
CA GLN B 82 19.44 -12.22 -13.93
C GLN B 82 20.62 -13.09 -13.50
N LYS B 83 21.30 -12.70 -12.44
CA LYS B 83 22.46 -13.42 -11.95
C LYS B 83 22.17 -14.91 -11.71
N TYR B 84 21.00 -15.24 -11.15
CA TYR B 84 20.63 -16.63 -10.85
C TYR B 84 19.70 -17.31 -11.88
N SER B 85 19.37 -16.62 -12.97
CA SER B 85 18.43 -17.17 -14.00
C SER B 85 19.13 -17.52 -15.35
N LYS B 86 18.89 -18.72 -15.84
CA LYS B 86 19.45 -19.12 -17.10
C LYS B 86 18.71 -18.42 -18.23
N ILE B 87 17.37 -18.31 -18.13
CA ILE B 87 16.59 -17.67 -19.20
C ILE B 87 16.74 -16.13 -19.18
N PRO B 88 16.42 -15.46 -20.28
CA PRO B 88 16.58 -14.01 -20.13
C PRO B 88 15.46 -13.42 -19.33
N ILE B 89 15.79 -12.32 -18.68
CA ILE B 89 14.81 -11.55 -17.92
C ILE B 89 14.86 -10.13 -18.48
N VAL B 90 13.70 -9.64 -18.91
CA VAL B 90 13.62 -8.30 -19.45
C VAL B 90 12.76 -7.41 -18.58
N GLY B 91 13.34 -6.29 -18.15
CA GLY B 91 12.65 -5.31 -17.35
C GLY B 91 12.03 -4.22 -18.22
N VAL B 92 11.33 -3.28 -17.59
CA VAL B 92 10.73 -2.17 -18.27
C VAL B 92 11.46 -0.83 -18.27
N ILE B 93 12.66 -0.77 -17.73
CA ILE B 93 13.43 0.50 -17.72
C ILE B 93 14.28 0.61 -19.03
N GLU B 94 15.10 -0.40 -19.27
CA GLU B 94 15.97 -0.33 -20.46
C GLU B 94 15.22 -0.14 -21.78
N PRO B 95 14.05 -0.83 -21.93
CA PRO B 95 13.33 -0.63 -23.16
C PRO B 95 12.83 0.78 -23.34
N SER B 96 12.56 1.46 -22.21
CA SER B 96 12.11 2.87 -22.24
C SER B 96 13.24 3.80 -22.59
N ILE B 97 14.45 3.47 -22.17
CA ILE B 97 15.62 4.22 -22.58
C ILE B 97 15.78 4.11 -24.13
N LEU B 98 15.59 2.94 -24.69
CA LEU B 98 15.77 2.78 -26.14
C LEU B 98 14.70 3.52 -26.91
N ALA B 99 13.49 3.50 -26.38
CA ALA B 99 12.40 4.26 -26.97
C ALA B 99 12.68 5.78 -26.92
N ILE B 100 13.17 6.28 -25.79
CA ILE B 100 13.51 7.69 -25.71
C ILE B 100 14.56 8.06 -26.76
N LYS B 101 15.59 7.23 -26.91
CA LYS B 101 16.62 7.44 -27.94
C LYS B 101 16.04 7.58 -29.35
N ARG B 102 15.06 6.75 -29.69
CA ARG B 102 14.41 6.86 -30.99
C ARG B 102 13.56 8.12 -31.13
N GLN B 103 12.92 8.53 -30.04
CA GLN B 103 11.90 9.55 -30.13
C GLN B 103 12.41 10.92 -29.72
N VAL B 104 13.54 10.99 -29.03
CA VAL B 104 14.03 12.26 -28.46
C VAL B 104 15.47 12.55 -28.92
N GLU B 105 15.60 13.10 -30.15
CA GLU B 105 16.86 13.47 -30.76
C GLU B 105 17.59 14.57 -30.02
N ASP B 106 16.83 15.50 -29.42
CA ASP B 106 17.41 16.59 -28.68
C ASP B 106 17.85 16.14 -27.27
N LYS B 107 19.16 15.93 -27.10
CA LYS B 107 19.77 15.46 -25.84
C LYS B 107 19.62 16.40 -24.65
N ASN B 108 19.11 17.58 -24.93
CA ASN B 108 18.88 18.61 -23.93
C ASN B 108 17.44 18.77 -23.54
N ALA B 109 16.55 17.99 -24.15
CA ALA B 109 15.15 18.12 -23.88
C ALA B 109 14.98 17.79 -22.38
N PRO B 110 14.30 18.64 -21.62
CA PRO B 110 14.00 18.26 -20.22
C PRO B 110 13.10 17.00 -20.14
N ILE B 111 13.62 15.99 -19.48
CA ILE B 111 12.92 14.73 -19.29
C ILE B 111 12.62 14.67 -17.80
N LEU B 112 11.34 14.53 -17.46
CA LEU B 112 10.89 14.20 -16.10
C LEU B 112 10.57 12.66 -15.91
N VAL B 113 11.28 12.01 -14.99
CA VAL B 113 10.97 10.66 -14.58
C VAL B 113 9.99 10.63 -13.39
N LEU B 114 8.85 9.95 -13.55
CA LEU B 114 7.86 9.70 -12.47
C LEU B 114 7.82 8.23 -12.08
N GLY B 115 7.80 7.96 -10.78
CA GLY B 115 7.95 6.59 -10.32
C GLY B 115 7.57 6.44 -8.84
N THR B 116 7.58 5.21 -8.33
CA THR B 116 7.46 5.03 -6.91
C THR B 116 8.72 5.63 -6.26
N LYS B 117 8.65 5.81 -4.96
CA LYS B 117 9.83 6.19 -4.18
C LYS B 117 11.03 5.26 -4.40
N ALA B 118 10.80 3.94 -4.27
CA ALA B 118 11.92 3.05 -4.46
C ALA B 118 12.52 3.22 -5.88
N THR B 119 11.66 3.29 -6.92
CA THR B 119 12.16 3.47 -8.28
C THR B 119 12.95 4.78 -8.46
N ILE B 120 12.44 5.85 -7.88
CA ILE B 120 13.08 7.16 -8.01
C ILE B 120 14.40 7.20 -7.22
N GLN B 121 14.38 6.73 -5.98
CA GLN B 121 15.62 6.68 -5.17
C GLN B 121 16.71 5.82 -5.78
N SER B 122 16.37 4.81 -6.58
CA SER B 122 17.42 3.98 -7.22
C SER B 122 18.14 4.77 -8.32
N ASN B 123 17.57 5.84 -8.83
CA ASN B 123 18.10 6.52 -10.01
C ASN B 123 18.42 5.65 -11.20
N ALA B 124 17.70 4.53 -11.35
CA ALA B 124 17.94 3.61 -12.48
C ALA B 124 17.72 4.37 -13.79
N TYR B 125 16.64 5.13 -13.84
CA TYR B 125 16.29 5.83 -15.03
C TYR B 125 17.40 6.89 -15.34
N ASP B 126 17.70 7.75 -14.37
CA ASP B 126 18.60 8.90 -14.60
C ASP B 126 19.97 8.44 -15.08
N ASN B 127 20.45 7.35 -14.47
CA ASN B 127 21.76 6.79 -14.76
C ASN B 127 21.80 6.24 -16.18
N ALA B 128 20.78 5.49 -16.56
CA ALA B 128 20.74 4.95 -17.90
C ALA B 128 20.69 6.11 -18.89
N LEU B 129 19.81 7.08 -18.60
CA LEU B 129 19.63 8.27 -19.47
C LEU B 129 20.95 9.02 -19.67
N LYS B 130 21.66 9.34 -18.60
CA LYS B 130 22.99 10.01 -18.69
C LYS B 130 23.98 9.22 -19.50
N GLN B 131 24.06 7.91 -19.27
CA GLN B 131 24.95 7.10 -20.08
C GLN B 131 24.70 7.27 -21.59
N GLN B 132 23.46 7.50 -21.98
CA GLN B 132 23.14 7.66 -23.40
C GLN B 132 23.12 9.13 -23.85
N GLY B 133 23.73 9.99 -23.02
CA GLY B 133 24.01 11.36 -23.42
C GLY B 133 22.98 12.41 -23.08
N TYR B 134 22.04 12.11 -22.19
CA TYR B 134 20.99 13.07 -21.87
C TYR B 134 21.45 14.03 -20.76
N LEU B 135 21.15 15.31 -20.89
CA LEU B 135 21.75 16.39 -20.04
C LEU B 135 20.77 17.18 -19.13
N ASN B 136 19.48 17.01 -19.36
CA ASN B 136 18.47 17.69 -18.57
C ASN B 136 17.49 16.62 -18.01
N ILE B 137 17.91 15.87 -17.01
CA ILE B 137 17.09 14.86 -16.36
C ILE B 137 16.60 15.28 -14.97
N SER B 138 15.28 15.25 -14.77
CA SER B 138 14.62 15.54 -13.49
C SER B 138 13.83 14.30 -13.03
N HIS B 139 13.58 14.15 -11.73
CA HIS B 139 12.84 12.98 -11.25
C HIS B 139 11.90 13.33 -10.12
N LEU B 140 10.79 12.57 -10.03
CA LEU B 140 9.83 12.84 -9.00
C LEU B 140 9.08 11.56 -8.56
N ALA B 141 8.95 11.41 -7.25
CA ALA B 141 8.35 10.26 -6.66
C ALA B 141 6.97 10.65 -6.40
N THR B 142 6.05 10.23 -7.26
CA THR B 142 4.64 10.60 -7.12
C THR B 142 3.90 9.43 -6.47
N SER B 143 4.23 9.16 -5.23
CA SER B 143 3.86 7.94 -4.54
C SER B 143 2.38 7.72 -4.41
N LEU B 144 1.63 8.80 -4.28
CA LEU B 144 0.24 8.72 -3.88
C LEU B 144 -0.55 8.41 -5.11
N PHE B 145 0.09 8.48 -6.28
CA PHE B 145 -0.60 8.16 -7.48
C PHE B 145 -1.01 6.68 -7.50
N VAL B 146 -0.19 5.81 -6.93
CA VAL B 146 -0.45 4.38 -6.94
C VAL B 146 -1.77 4.04 -6.19
N PRO B 147 -1.91 4.45 -4.90
CA PRO B 147 -3.17 4.09 -4.20
C PRO B 147 -4.38 4.87 -4.73
N LEU B 148 -4.22 6.12 -5.14
CA LEU B 148 -5.34 6.81 -5.83
C LEU B 148 -5.85 5.94 -7.00
N ILE B 149 -4.94 5.45 -7.81
CA ILE B 149 -5.29 4.68 -8.98
C ILE B 149 -5.90 3.32 -8.59
N GLU B 150 -5.40 2.73 -7.50
CA GLU B 150 -5.97 1.50 -6.99
C GLU B 150 -7.43 1.70 -6.58
N GLU B 151 -7.73 2.89 -6.06
CA GLU B 151 -9.07 3.24 -5.57
C GLU B 151 -9.91 3.91 -6.63
N SER B 152 -9.49 3.77 -7.88
CA SER B 152 -10.17 4.33 -9.05
C SER B 152 -10.41 5.84 -9.01
N ILE B 153 -9.44 6.59 -8.48
CA ILE B 153 -9.54 8.02 -8.43
C ILE B 153 -8.82 8.42 -9.72
N LEU B 154 -9.51 8.30 -10.86
CA LEU B 154 -8.94 8.56 -12.19
C LEU B 154 -9.36 9.88 -12.77
N GLU B 155 -10.08 10.66 -12.01
CA GLU B 155 -10.41 12.03 -12.41
C GLU B 155 -10.87 12.79 -11.21
N GLY B 156 -11.31 14.01 -11.47
CA GLY B 156 -11.92 14.85 -10.48
C GLY B 156 -10.92 15.57 -9.60
N GLU B 157 -11.47 16.19 -8.55
CA GLU B 157 -10.77 17.14 -7.69
C GLU B 157 -9.65 16.53 -6.89
N LEU B 158 -9.90 15.34 -6.35
CA LEU B 158 -8.94 14.64 -5.55
C LEU B 158 -7.73 14.30 -6.38
N LEU B 159 -7.95 13.75 -7.59
CA LEU B 159 -6.77 13.48 -8.47
C LEU B 159 -6.07 14.81 -8.80
N GLU B 160 -6.87 15.84 -9.10
CA GLU B 160 -6.33 17.12 -9.59
C GLU B 160 -5.51 17.72 -8.46
N THR B 161 -6.06 17.71 -7.25
CA THR B 161 -5.35 18.25 -6.09
C THR B 161 -4.06 17.47 -5.79
N CYS B 162 -4.06 16.17 -6.02
CA CYS B 162 -2.85 15.35 -5.83
C CYS B 162 -1.74 15.65 -6.82
N MET B 163 -2.13 15.79 -8.09
CA MET B 163 -1.18 16.11 -9.19
C MET B 163 -0.55 17.45 -8.92
N HIS B 164 -1.41 18.37 -8.51
CA HIS B 164 -0.99 19.72 -8.20
C HIS B 164 0.02 19.71 -7.06
N TYR B 165 -0.30 18.99 -5.98
CA TYR B 165 0.61 18.81 -4.85
C TYR B 165 2.03 18.36 -5.30
N TYR B 166 2.09 17.38 -6.17
CA TYR B 166 3.39 16.87 -6.65
C TYR B 166 4.04 17.71 -7.74
N PHE B 167 3.28 18.39 -8.58
CA PHE B 167 3.84 19.03 -9.78
C PHE B 167 4.18 20.52 -9.57
N THR B 168 3.44 21.20 -8.68
CA THR B 168 3.61 22.65 -8.46
C THR B 168 5.04 23.02 -8.10
N PRO B 169 5.69 22.24 -7.21
CA PRO B 169 7.09 22.48 -6.87
C PRO B 169 8.06 22.42 -8.03
N LEU B 170 7.71 21.80 -9.17
CA LEU B 170 8.70 21.61 -10.21
C LEU B 170 9.20 22.94 -10.73
N GLU B 171 10.49 23.00 -11.00
CA GLU B 171 11.09 24.22 -11.52
C GLU B 171 11.19 24.13 -13.05
N ILE B 172 11.37 22.91 -13.55
CA ILE B 172 11.44 22.65 -14.97
C ILE B 172 10.11 22.10 -15.54
N LEU B 173 9.79 22.56 -16.74
CA LEU B 173 8.63 22.13 -17.48
C LEU B 173 9.12 21.02 -18.44
N PRO B 174 8.63 19.79 -18.23
CA PRO B 174 9.20 18.75 -19.02
C PRO B 174 8.64 18.74 -20.43
N GLU B 175 9.48 18.36 -21.39
CA GLU B 175 9.06 18.08 -22.79
C GLU B 175 8.74 16.57 -22.93
N VAL B 176 9.27 15.77 -22.01
CA VAL B 176 9.16 14.30 -21.98
C VAL B 176 8.92 13.92 -20.52
N ILE B 177 7.95 13.04 -20.29
CA ILE B 177 7.60 12.52 -18.99
C ILE B 177 7.58 11.00 -19.14
N ILE B 178 8.38 10.34 -18.32
CA ILE B 178 8.43 8.91 -18.33
C ILE B 178 7.42 8.41 -17.27
N LEU B 179 6.43 7.64 -17.72
CA LEU B 179 5.46 6.95 -16.83
C LEU B 179 6.05 5.66 -16.21
N GLY B 180 7.05 5.86 -15.35
CA GLY B 180 7.90 4.81 -14.81
C GLY B 180 7.27 4.03 -13.69
N CYS B 181 5.97 3.77 -13.81
CA CYS B 181 5.26 2.91 -12.83
C CYS B 181 4.10 2.21 -13.55
N THR B 182 3.78 0.95 -13.21
CA THR B 182 2.67 0.23 -13.88
C THR B 182 1.34 0.96 -13.87
N HIS B 183 1.11 1.75 -12.86
CA HIS B 183 -0.20 2.36 -12.63
C HIS B 183 -0.47 3.60 -13.44
N PHE B 184 0.59 4.32 -13.79
CA PHE B 184 0.50 5.72 -14.21
C PHE B 184 -0.14 5.87 -15.64
N PRO B 185 0.03 4.87 -16.52
CA PRO B 185 -0.76 4.92 -17.80
C PRO B 185 -2.28 5.19 -17.64
N LEU B 186 -2.89 4.74 -16.54
CA LEU B 186 -4.30 4.99 -16.32
C LEU B 186 -4.62 6.42 -16.05
N ILE B 187 -3.62 7.24 -15.75
CA ILE B 187 -3.87 8.69 -15.63
C ILE B 187 -3.03 9.53 -16.63
N ALA B 188 -2.62 8.90 -17.72
CA ALA B 188 -1.73 9.50 -18.72
C ALA B 188 -2.35 10.79 -19.28
N GLN B 189 -3.62 10.74 -19.72
CA GLN B 189 -4.19 11.95 -20.30
C GLN B 189 -4.44 13.03 -19.27
N LYS B 190 -4.71 12.68 -18.00
CA LYS B 190 -4.93 13.66 -16.92
C LYS B 190 -3.59 14.38 -16.58
N ILE B 191 -2.51 13.63 -16.59
CA ILE B 191 -1.19 14.23 -16.48
C ILE B 191 -0.96 15.17 -17.68
N GLU B 192 -1.33 14.77 -18.90
CA GLU B 192 -1.21 15.63 -20.11
C GLU B 192 -2.02 16.87 -19.98
N GLY B 193 -3.30 16.72 -19.61
CA GLY B 193 -4.15 17.83 -19.34
C GLY B 193 -3.67 18.73 -18.23
N TYR B 194 -3.05 18.16 -17.20
CA TYR B 194 -2.52 18.98 -16.12
C TYR B 194 -1.54 20.01 -16.68
N PHE B 195 -0.49 19.52 -17.37
CA PHE B 195 0.54 20.43 -17.94
C PHE B 195 0.00 21.35 -19.01
N MET B 196 -0.99 20.90 -19.80
CA MET B 196 -1.60 21.77 -20.82
C MET B 196 -2.47 22.81 -20.17
N GLY B 197 -3.10 22.48 -19.05
CA GLY B 197 -4.02 23.40 -18.38
C GLY B 197 -3.25 24.44 -17.59
N HIS B 198 -2.11 24.04 -17.05
CA HIS B 198 -1.34 24.89 -16.17
C HIS B 198 -0.25 25.69 -16.85
N PHE B 199 0.01 25.45 -18.12
CA PHE B 199 1.07 26.14 -18.82
C PHE B 199 0.63 26.40 -20.26
N ALA B 200 1.22 27.37 -20.93
CA ALA B 200 0.82 27.63 -22.31
C ALA B 200 1.69 26.79 -23.25
N LEU B 201 1.18 25.65 -23.71
CA LEU B 201 1.95 24.74 -24.56
C LEU B 201 1.12 24.41 -25.77
N PRO B 202 1.74 24.44 -26.95
CA PRO B 202 1.05 24.08 -28.19
C PRO B 202 0.82 22.55 -28.32
N THR B 203 1.66 21.72 -27.68
CA THR B 203 1.38 20.28 -27.48
C THR B 203 1.90 19.74 -26.15
N PRO B 204 1.22 18.72 -25.57
CA PRO B 204 1.58 18.19 -24.28
C PRO B 204 2.96 17.60 -24.31
N PRO B 205 3.60 17.49 -23.14
CA PRO B 205 4.86 16.73 -23.14
C PRO B 205 4.64 15.33 -23.74
N LEU B 206 5.69 14.78 -24.37
CA LEU B 206 5.67 13.39 -24.84
C LEU B 206 5.61 12.44 -23.59
N LEU B 207 4.68 11.53 -23.61
CA LEU B 207 4.55 10.52 -22.55
C LEU B 207 5.18 9.20 -22.95
N ILE B 208 6.07 8.66 -22.14
CA ILE B 208 6.63 7.35 -22.41
C ILE B 208 5.93 6.28 -21.57
N HIS B 209 5.30 5.31 -22.25
CA HIS B 209 4.54 4.20 -21.69
C HIS B 209 5.49 2.95 -21.64
N SER B 210 5.58 2.28 -20.51
CA SER B 210 6.53 1.16 -20.33
C SER B 210 6.13 -0.06 -21.19
N GLY B 211 4.83 -0.31 -21.30
CA GLY B 211 4.30 -1.38 -22.14
C GLY B 211 4.66 -1.22 -23.60
N ASP B 212 4.32 -0.12 -24.21
CA ASP B 212 4.63 0.05 -25.61
C ASP B 212 6.15 -0.03 -25.84
N ALA B 213 6.95 0.53 -24.93
CA ALA B 213 8.40 0.51 -25.10
C ALA B 213 9.01 -0.91 -25.04
N ILE B 214 8.52 -1.72 -24.13
CA ILE B 214 8.99 -3.10 -24.07
C ILE B 214 8.49 -3.91 -25.26
N VAL B 215 7.29 -3.61 -25.77
CA VAL B 215 6.82 -4.29 -26.98
C VAL B 215 7.82 -4.09 -28.15
N GLU B 216 8.22 -2.82 -28.33
CA GLU B 216 9.16 -2.44 -29.39
C GLU B 216 10.49 -3.14 -29.24
N TYR B 217 10.92 -3.36 -27.99
CA TYR B 217 12.20 -4.04 -27.71
C TYR B 217 12.12 -5.52 -27.93
N LEU B 218 11.05 -6.13 -27.50
CA LEU B 218 10.86 -7.53 -27.70
C LEU B 218 10.80 -7.91 -29.21
N GLN B 219 10.08 -7.12 -30.00
CA GLN B 219 9.98 -7.31 -31.49
C GLN B 219 11.35 -7.29 -32.17
N GLN B 220 12.11 -6.25 -31.88
CA GLN B 220 13.44 -6.07 -32.40
C GLN B 220 14.47 -7.10 -31.86
N LYS B 221 14.65 -7.22 -30.55
CA LYS B 221 15.64 -8.16 -29.94
C LYS B 221 15.32 -9.60 -30.34
N TYR B 222 14.07 -10.02 -30.22
CA TYR B 222 13.76 -11.46 -30.41
C TYR B 222 13.12 -11.76 -31.79
N ALA B 223 13.12 -10.80 -32.71
CA ALA B 223 12.39 -10.98 -34.02
C ALA B 223 10.98 -11.51 -33.79
N LEU B 224 10.31 -10.94 -32.77
CA LEU B 224 8.98 -11.40 -32.38
C LEU B 224 8.02 -10.65 -33.28
N LYS B 225 6.85 -11.23 -33.45
CA LYS B 225 6.06 -10.83 -34.58
C LYS B 225 4.63 -10.91 -34.17
N ASN B 226 3.85 -10.09 -34.84
CA ASN B 226 2.54 -9.77 -34.44
C ASN B 226 1.57 -10.74 -35.04
N ASN B 227 2.00 -11.98 -34.98
CA ASN B 227 1.29 -13.08 -35.56
C ASN B 227 1.66 -14.32 -34.77
N ALA B 228 1.57 -14.20 -33.45
CA ALA B 228 1.38 -15.35 -32.58
C ALA B 228 -0.11 -15.49 -32.56
N CYS B 229 -0.65 -16.55 -32.00
CA CYS B 229 -2.02 -16.97 -32.30
C CYS B 229 -3.08 -15.91 -31.95
N THR B 230 -4.31 -16.19 -32.37
CA THR B 230 -5.40 -15.21 -32.22
C THR B 230 -5.95 -15.31 -30.79
N PHE B 231 -5.77 -16.50 -30.20
CA PHE B 231 -6.27 -16.78 -28.87
C PHE B 231 -5.15 -17.34 -27.98
N PRO B 232 -4.22 -16.46 -27.53
CA PRO B 232 -3.14 -16.85 -26.62
C PRO B 232 -3.64 -17.46 -25.30
N LYS B 233 -2.99 -18.51 -24.85
CA LYS B 233 -3.23 -19.09 -23.53
C LYS B 233 -2.58 -18.17 -22.47
N VAL B 234 -3.35 -17.75 -21.47
CA VAL B 234 -2.83 -16.87 -20.38
C VAL B 234 -3.33 -17.36 -19.01
N GLU B 235 -2.42 -17.66 -18.10
CA GLU B 235 -2.80 -18.15 -16.78
C GLU B 235 -2.45 -17.04 -15.82
N PHE B 236 -3.31 -16.81 -14.81
CA PHE B 236 -3.00 -15.91 -13.74
C PHE B 236 -2.72 -16.65 -12.45
N HIS B 237 -1.75 -16.11 -11.70
CA HIS B 237 -1.28 -16.68 -10.45
C HIS B 237 -0.98 -15.52 -9.52
N ALA B 238 -1.29 -15.68 -8.23
CA ALA B 238 -1.04 -14.60 -7.26
C ALA B 238 -0.76 -15.15 -5.90
N SER B 239 0.00 -14.41 -5.10
CA SER B 239 0.20 -14.79 -3.70
C SER B 239 -0.96 -14.35 -2.83
N GLY B 240 -1.74 -13.38 -3.29
CA GLY B 240 -2.98 -12.96 -2.59
C GLY B 240 -4.18 -13.67 -3.25
N ASP B 241 -5.25 -12.93 -3.53
CA ASP B 241 -6.48 -13.53 -4.02
C ASP B 241 -6.41 -13.68 -5.54
N VAL B 242 -6.09 -14.88 -6.00
CA VAL B 242 -5.98 -15.13 -7.43
C VAL B 242 -7.33 -15.13 -8.19
N ILE B 243 -8.40 -15.46 -7.50
CA ILE B 243 -9.72 -15.39 -8.10
C ILE B 243 -10.03 -13.94 -8.40
N TRP B 244 -9.70 -13.01 -7.50
CA TRP B 244 -9.97 -11.59 -7.75
C TRP B 244 -9.18 -11.12 -8.96
N LEU B 245 -7.94 -11.58 -9.05
CA LEU B 245 -7.06 -11.22 -10.12
C LEU B 245 -7.58 -11.72 -11.46
N GLU B 246 -7.94 -13.00 -11.53
CA GLU B 246 -8.65 -13.57 -12.68
C GLU B 246 -9.94 -12.79 -13.05
N ARG B 247 -10.72 -12.39 -12.04
CA ARG B 247 -11.94 -11.59 -12.26
C ARG B 247 -11.53 -10.24 -12.90
N GLN B 248 -10.46 -9.63 -12.39
CA GLN B 248 -9.95 -8.43 -13.05
C GLN B 248 -9.54 -8.66 -14.53
N ALA B 249 -8.86 -9.77 -14.82
CA ALA B 249 -8.40 -10.06 -16.19
C ALA B 249 -9.62 -10.19 -17.12
N LYS B 250 -10.67 -10.76 -16.59
CA LYS B 250 -11.86 -11.08 -17.37
C LYS B 250 -12.57 -9.79 -17.70
N GLU B 251 -12.75 -8.95 -16.68
CA GLU B 251 -13.35 -7.65 -16.87
C GLU B 251 -12.54 -6.69 -17.77
N TRP B 252 -11.22 -6.58 -17.55
CA TRP B 252 -10.41 -5.49 -18.17
C TRP B 252 -9.63 -6.00 -19.35
N LEU B 253 -9.27 -7.27 -19.40
CA LEU B 253 -8.45 -7.75 -20.52
C LEU B 253 -9.25 -8.57 -21.53
N LYS B 254 -10.44 -9.03 -21.13
CA LYS B 254 -11.31 -9.98 -21.89
C LYS B 254 -10.79 -11.43 -21.87
N LEU B 255 -10.29 -11.88 -20.72
CA LEU B 255 -9.59 -13.18 -20.63
C LEU B 255 -9.96 -14.06 -19.45
N1 KRH C . 3.63 12.00 14.21
C2 KRH C . 3.62 11.34 15.33
N3 KRH C . 4.20 10.13 15.49
C4 KRH C . 4.75 9.48 14.39
C5 KRH C . 4.80 10.17 13.18
C6 KRH C . 4.26 11.54 13.14
C7 KRH C . 4.14 9.44 16.77
C8 KRH C . 3.02 8.39 16.82
C9 KRH C . 3.28 7.66 18.13
C10 KRH C . 1.70 9.09 16.96
O11 KRH C . 3.04 11.88 16.25
C12 KRH C . 2.98 13.34 14.16
O13 KRH C . 4.14 12.15 12.07
C14 KRH C . 5.28 9.28 12.24
N15 KRH C . 5.51 8.07 12.93
N16 KRH C . 5.15 8.25 14.23
C17 KRH C . 5.54 9.46 10.81
N20 KRH C . 6.55 9.46 8.86
C21 KRH C . 5.27 9.65 8.61
C23 KRH C . 5.94 6.81 12.35
C24 KRH C . 4.73 6.46 11.44
C25 KRH C . 4.96 6.44 10.09
C26 KRH C . 3.95 6.20 9.11
C27 KRH C . 2.65 5.92 9.55
C28 KRH C . 2.35 5.92 10.93
C29 KRH C . 3.40 6.19 11.88
N29 KRH C . 4.60 9.64 9.79
C30 KRH C . 3.04 6.12 13.24
C31 KRH C . 1.78 5.79 13.66
C32 KRH C . 0.78 5.57 12.71
C33 KRH C . 1.05 5.63 11.37
C34 KRH C . 6.75 9.33 10.20
C35 KRH C . 3.18 9.80 9.97
N DGL D . -2.45 -1.29 10.67
CA DGL D . -3.60 -1.34 9.69
C DGL D . -4.89 -1.19 10.46
O DGL D . -4.84 -0.79 11.65
CB DGL D . -3.46 -0.13 8.78
CG DGL D . -2.27 -0.33 7.81
CD DGL D . -2.47 -1.55 6.96
OE1 DGL D . -1.81 -2.58 7.19
OE2 DGL D . -3.35 -1.47 6.08
OXT DGL D . -5.96 -1.42 9.88
N DGL E . 4.20 -2.14 -9.99
CA DGL E . 4.80 -1.01 -9.23
C DGL E . 5.70 -0.25 -10.17
O DGL E . 5.50 -0.40 -11.39
CB DGL E . 3.71 -0.19 -8.61
CG DGL E . 3.01 -0.93 -7.46
CD DGL E . 4.03 -1.18 -6.36
OE1 DGL E . 4.60 -0.20 -5.79
OE2 DGL E . 4.29 -2.39 -6.11
OXT DGL E . 6.57 0.56 -9.75
N1 KRH F . -9.12 1.04 -16.23
C2 KRH F . -8.47 0.23 -17.12
N3 KRH F . -7.89 -0.94 -16.81
C4 KRH F . -7.95 -1.42 -15.50
C5 KRH F . -8.68 -0.65 -14.55
C6 KRH F . -9.29 0.66 -14.95
C7 KRH F . -7.24 -1.79 -17.83
C8 KRH F . -5.80 -1.38 -18.19
C9 KRH F . -4.89 -1.50 -17.04
C10 KRH F . -5.25 -2.52 -19.04
O11 KRH F . -8.34 0.57 -18.28
C12 KRH F . -9.73 2.34 -16.69
O13 KRH F . -9.83 1.43 -14.13
C14 KRH F . -8.62 -1.37 -13.39
N15 KRH F . -7.92 -2.51 -13.61
N16 KRH F . -7.48 -2.50 -14.92
C17 KRH F . -9.12 -1.06 -12.04
N20 KRH F . -10.16 -1.21 -10.14
C21 KRH F . -9.33 -0.15 -10.07
C23 KRH F . -7.55 -3.42 -12.55
C24 KRH F . -6.48 -2.60 -11.77
C25 KRH F . -6.65 -2.36 -10.45
C26 KRH F . -5.77 -1.60 -9.66
C27 KRH F . -4.61 -1.05 -10.19
C28 KRH F . -4.38 -1.24 -11.55
C29 KRH F . -5.29 -2.01 -12.34
N29 KRH F . -8.71 0.01 -11.25
C30 KRH F . -4.94 -2.16 -13.68
C31 KRH F . -3.81 -1.60 -14.24
C32 KRH F . -2.96 -0.82 -13.44
C33 KRH F . -3.25 -0.68 -12.12
C34 KRH F . -10.04 -1.82 -11.34
C35 KRH F . -7.70 1.01 -11.61
#